data_4TYW
#
_entry.id   4TYW
#
_cell.length_a   89.829
_cell.length_b   126.260
_cell.length_c   55.545
_cell.angle_alpha   90.00
_cell.angle_beta   90.00
_cell.angle_gamma   90.00
#
_symmetry.space_group_name_H-M   'P 21 21 2'
#
loop_
_entity.id
_entity.type
_entity.pdbx_description
1 polymer 'ATP-dependent RNA helicase MSS116, mitochondrial'
2 polymer "RNA (5'-R(P*AP*AP*AP*AP*AP*AP*A)-3')"
3 non-polymer 'MAGNESIUM ION'
4 non-polymer 'BERYLLIUM TRIFLUORIDE ION'
5 non-polymer "ADENOSINE-5'-DIPHOSPHATE"
6 water water
#
loop_
_entity_poly.entity_id
_entity_poly.type
_entity_poly.pdbx_seq_one_letter_code
_entity_poly.pdbx_strand_id
1 'polypeptide(L)'
;GSKLIHVPKEDNSKEVTLDSLLEEGVLDKEIHKAITRMEFPGLTPVQQKTIKPILSSEDHDVIARAKTGTGKTFAFLIPI
FQHLINTKFDSQYMVKAVIVAPTRDLALQIEAEVKKIHDMNYGLKKYACVSLVGGTDFRAAMNKMNKLRPNIVIATPGRL
IDVLEKYSNKFFRFVDYKVLDEADRLLEIGFRDDLETISGILNEKNSKSADNIKTLLFSATLDDKVQKLANNIMNKKECL
FLDTVDKNEPEAHERIDQSVVISEKFANSIFAAVEHIKKQIKERDSNYKAIIFAPTVKFTSFLCSILKNEFKKDLPILEF
HGKITQNKRTSLVKRFKKDESGILVCTDVGARGMDFPNVHEVLQIGVPSELANYIHRIGRTARSGKEGSSVLFICKDELP
FVRELEDAKNIVIAKQEKYEPSEEIKSEVLEAVTEEPEDISDIVISLISSYRSCIKEYRFSERRILPEIASTYGVLLNDP
QLKIPVSRRFLDKLGLSRSPIGKAMFEIR
;
A
2 'polyribonucleotide' AAAAAAA B
#
loop_
_chem_comp.id
_chem_comp.type
_chem_comp.name
_chem_comp.formula
A RNA linking ADENOSINE-5'-MONOPHOSPHATE 'C10 H14 N5 O7 P'
ADP non-polymer ADENOSINE-5'-DIPHOSPHATE 'C10 H15 N5 O10 P2'
BEF non-polymer 'BERYLLIUM TRIFLUORIDE ION' 'Be F3 -1'
MG non-polymer 'MAGNESIUM ION' 'Mg 2'
#
# COMPACT_ATOMS: atom_id res chain seq x y z
N SER A 2 -10.94 20.11 -17.10
CA SER A 2 -11.87 20.40 -16.01
C SER A 2 -11.27 21.37 -15.00
N LYS A 3 -12.12 22.14 -14.34
CA LYS A 3 -11.66 23.14 -13.38
C LYS A 3 -11.27 22.49 -12.06
N LEU A 4 -9.99 22.60 -11.70
CA LEU A 4 -9.47 22.03 -10.46
C LEU A 4 -9.41 23.09 -9.37
N ILE A 5 -10.29 22.97 -8.39
CA ILE A 5 -10.38 23.93 -7.29
C ILE A 5 -9.62 23.45 -6.07
N HIS A 6 -8.66 24.26 -5.63
CA HIS A 6 -7.86 23.94 -4.45
C HIS A 6 -8.54 24.37 -3.15
N VAL A 7 -8.37 23.57 -2.12
CA VAL A 7 -8.88 23.88 -0.79
C VAL A 7 -7.80 23.55 0.24
N PRO A 8 -6.80 24.43 0.37
CA PRO A 8 -5.63 24.20 1.24
C PRO A 8 -6.00 23.92 2.70
N LYS A 9 -5.03 23.40 3.45
CA LYS A 9 -5.19 23.12 4.86
C LYS A 9 -5.45 24.41 5.65
N GLU A 10 -6.69 24.59 6.10
CA GLU A 10 -7.05 25.76 6.87
C GLU A 10 -6.27 25.80 8.18
N ASP A 11 -5.95 27.01 8.64
CA ASP A 11 -5.18 27.19 9.87
C ASP A 11 -5.95 26.62 11.06
N ASN A 12 -7.05 27.29 11.42
CA ASN A 12 -7.89 26.84 12.52
C ASN A 12 -9.15 26.14 11.99
N SER A 13 -9.88 26.85 11.13
CA SER A 13 -11.10 26.31 10.52
C SER A 13 -12.18 26.03 11.56
N LYS A 14 -13.32 25.53 11.09
CA LYS A 14 -14.45 25.23 11.97
C LYS A 14 -14.47 23.75 12.33
N GLU A 15 -14.78 23.46 13.59
CA GLU A 15 -14.87 22.08 14.07
C GLU A 15 -16.08 21.38 13.44
N VAL A 16 -15.88 20.14 13.02
CA VAL A 16 -16.96 19.30 12.49
C VAL A 16 -17.10 18.06 13.35
N THR A 17 -18.34 17.64 13.58
CA THR A 17 -18.63 16.52 14.48
C THR A 17 -19.78 15.69 13.94
N LEU A 18 -19.84 14.43 14.35
CA LEU A 18 -20.94 13.55 14.00
C LEU A 18 -22.28 14.15 14.40
N ASP A 19 -22.35 14.73 15.60
CA ASP A 19 -23.57 15.36 16.08
C ASP A 19 -23.94 16.56 15.21
N SER A 20 -22.94 17.39 14.90
CA SER A 20 -23.16 18.58 14.09
C SER A 20 -23.71 18.22 12.71
N LEU A 21 -23.12 17.21 12.08
CA LEU A 21 -23.58 16.75 10.78
C LEU A 21 -24.99 16.18 10.87
N LEU A 22 -25.32 15.62 12.04
CA LEU A 22 -26.66 15.09 12.27
C LEU A 22 -27.67 16.23 12.34
N GLU A 23 -27.39 17.20 13.20
CA GLU A 23 -28.28 18.35 13.37
C GLU A 23 -28.34 19.20 12.10
N GLU A 24 -27.22 19.25 11.38
CA GLU A 24 -27.13 20.05 10.16
C GLU A 24 -27.94 19.40 9.02
N GLY A 25 -28.24 18.11 9.18
CA GLY A 25 -29.03 17.39 8.20
C GLY A 25 -28.19 16.69 7.14
N VAL A 26 -26.87 16.73 7.31
CA VAL A 26 -25.96 16.10 6.36
C VAL A 26 -26.01 14.58 6.50
N LEU A 27 -26.04 14.10 7.74
CA LEU A 27 -26.03 12.67 8.02
C LEU A 27 -27.33 12.21 8.70
N ASP A 28 -27.77 11.00 8.35
CA ASP A 28 -28.95 10.40 8.95
C ASP A 28 -28.58 9.79 10.31
N LYS A 29 -29.59 9.49 11.12
CA LYS A 29 -29.38 8.96 12.45
C LYS A 29 -28.75 7.56 12.42
N GLU A 30 -29.06 6.80 11.37
CA GLU A 30 -28.61 5.41 11.28
C GLU A 30 -27.09 5.33 11.10
N ILE A 31 -26.53 6.16 10.24
CA ILE A 31 -25.08 6.18 10.03
C ILE A 31 -24.40 6.85 11.20
N HIS A 32 -25.04 7.87 11.77
CA HIS A 32 -24.53 8.56 12.94
C HIS A 32 -24.41 7.60 14.12
N LYS A 33 -25.35 6.67 14.20
CA LYS A 33 -25.38 5.69 15.28
C LYS A 33 -24.24 4.69 15.11
N ALA A 34 -23.88 4.39 13.86
CA ALA A 34 -22.83 3.42 13.57
C ALA A 34 -21.46 3.95 14.00
N ILE A 35 -21.15 5.18 13.60
CA ILE A 35 -19.81 5.74 13.84
C ILE A 35 -19.62 6.16 15.29
N THR A 36 -20.69 6.64 15.92
CA THR A 36 -20.60 7.07 17.32
C THR A 36 -20.28 5.90 18.24
N ARG A 37 -20.83 4.74 17.94
CA ARG A 37 -20.59 3.55 18.75
C ARG A 37 -19.16 3.04 18.64
N MET A 38 -18.42 3.54 17.66
CA MET A 38 -17.01 3.17 17.51
C MET A 38 -16.16 3.89 18.56
N GLU A 39 -16.76 4.89 19.20
CA GLU A 39 -16.13 5.60 20.31
C GLU A 39 -14.82 6.26 19.92
N PHE A 40 -14.79 6.90 18.74
CA PHE A 40 -13.64 7.70 18.34
C PHE A 40 -13.67 9.02 19.10
N PRO A 41 -12.48 9.59 19.40
CA PRO A 41 -12.46 10.88 20.10
C PRO A 41 -13.18 11.97 19.32
N GLY A 42 -13.08 11.90 18.00
CA GLY A 42 -13.71 12.86 17.12
C GLY A 42 -13.19 12.68 15.71
N LEU A 43 -13.99 13.08 14.72
CA LEU A 43 -13.64 12.90 13.31
C LEU A 43 -12.25 13.44 12.99
N THR A 44 -11.52 12.68 12.16
CA THR A 44 -10.18 13.08 11.75
C THR A 44 -10.26 14.28 10.82
N PRO A 45 -9.14 15.02 10.66
CA PRO A 45 -9.13 16.21 9.81
C PRO A 45 -9.67 15.96 8.40
N VAL A 46 -9.24 14.86 7.79
CA VAL A 46 -9.68 14.52 6.44
C VAL A 46 -11.19 14.25 6.40
N GLN A 47 -11.68 13.56 7.42
CA GLN A 47 -13.10 13.22 7.49
C GLN A 47 -13.95 14.48 7.66
N GLN A 48 -13.51 15.39 8.52
CA GLN A 48 -14.22 16.64 8.74
C GLN A 48 -14.27 17.47 7.46
N LYS A 49 -13.22 17.38 6.66
CA LYS A 49 -13.07 18.21 5.47
C LYS A 49 -13.63 17.53 4.21
N THR A 50 -14.06 16.28 4.35
CA THR A 50 -14.40 15.46 3.19
C THR A 50 -15.87 15.10 3.10
N ILE A 51 -16.51 14.79 4.23
CA ILE A 51 -17.87 14.25 4.23
C ILE A 51 -18.85 15.16 3.49
N LYS A 52 -19.10 16.35 4.01
CA LYS A 52 -20.14 17.23 3.46
C LYS A 52 -19.88 17.59 1.99
N PRO A 53 -18.62 17.88 1.62
CA PRO A 53 -18.34 18.15 0.20
C PRO A 53 -18.70 17.00 -0.75
N ILE A 54 -18.55 15.76 -0.31
CA ILE A 54 -18.89 14.62 -1.14
C ILE A 54 -20.40 14.55 -1.36
N LEU A 55 -21.17 14.88 -0.32
CA LEU A 55 -22.63 14.92 -0.43
C LEU A 55 -23.12 16.22 -1.05
N SER A 56 -22.19 17.14 -1.34
CA SER A 56 -22.55 18.46 -1.86
C SER A 56 -23.13 18.39 -3.26
N SER A 57 -23.20 19.55 -3.91
CA SER A 57 -23.74 19.66 -5.27
C SER A 57 -23.10 18.63 -6.19
N GLU A 58 -23.91 17.66 -6.61
CA GLU A 58 -23.41 16.51 -7.38
C GLU A 58 -23.00 16.88 -8.80
N ASP A 59 -22.17 17.91 -8.94
CA ASP A 59 -21.67 18.33 -10.24
C ASP A 59 -20.17 18.63 -10.13
N HIS A 60 -19.51 17.93 -9.22
CA HIS A 60 -18.08 18.11 -8.98
C HIS A 60 -17.43 16.81 -8.52
N ASP A 61 -16.16 16.64 -8.86
CA ASP A 61 -15.38 15.49 -8.41
C ASP A 61 -14.57 15.88 -7.18
N VAL A 62 -14.01 14.89 -6.50
CA VAL A 62 -13.27 15.13 -5.26
C VAL A 62 -11.91 14.44 -5.27
N ILE A 63 -10.87 15.23 -5.01
CA ILE A 63 -9.53 14.71 -4.76
C ILE A 63 -9.16 15.08 -3.32
N ALA A 64 -8.71 14.08 -2.56
CA ALA A 64 -8.41 14.29 -1.15
C ALA A 64 -7.06 13.69 -0.77
N ARG A 65 -6.17 14.55 -0.26
CA ARG A 65 -4.87 14.10 0.24
C ARG A 65 -4.82 14.20 1.75
N ALA A 66 -4.53 13.07 2.41
CA ALA A 66 -4.38 13.03 3.85
C ALA A 66 -3.35 11.99 4.24
N LYS A 67 -2.53 12.30 5.24
CA LYS A 67 -1.43 11.44 5.64
C LYS A 67 -1.91 10.05 6.08
N THR A 68 -0.98 9.11 6.12
CA THR A 68 -1.30 7.72 6.44
C THR A 68 -1.83 7.57 7.87
N GLY A 69 -2.80 6.67 8.03
CA GLY A 69 -3.34 6.35 9.34
C GLY A 69 -4.30 7.37 9.91
N THR A 70 -4.78 8.28 9.06
CA THR A 70 -5.66 9.35 9.50
C THR A 70 -7.11 9.13 9.07
N GLY A 71 -7.48 7.87 8.85
CA GLY A 71 -8.85 7.48 8.62
C GLY A 71 -9.45 7.95 7.31
N LYS A 72 -8.74 7.74 6.20
CA LYS A 72 -9.26 8.10 4.89
C LYS A 72 -10.36 7.14 4.45
N THR A 73 -10.35 5.92 4.98
CA THR A 73 -11.32 4.91 4.59
C THR A 73 -12.74 5.34 4.96
N PHE A 74 -12.95 5.74 6.20
CA PHE A 74 -14.26 6.20 6.65
C PHE A 74 -14.61 7.55 6.05
N ALA A 75 -13.59 8.28 5.57
CA ALA A 75 -13.81 9.58 4.97
C ALA A 75 -14.65 9.47 3.70
N PHE A 76 -14.65 8.30 3.07
CA PHE A 76 -15.49 8.07 1.88
C PHE A 76 -16.50 6.94 2.08
N LEU A 77 -16.37 6.17 3.14
CA LEU A 77 -17.37 5.15 3.45
C LEU A 77 -18.60 5.76 4.12
N ILE A 78 -18.39 6.77 4.96
CA ILE A 78 -19.50 7.40 5.68
C ILE A 78 -20.42 8.13 4.69
N PRO A 79 -19.84 8.98 3.80
CA PRO A 79 -20.69 9.63 2.80
C PRO A 79 -21.42 8.65 1.90
N ILE A 80 -20.73 7.60 1.48
CA ILE A 80 -21.33 6.60 0.61
C ILE A 80 -22.57 6.00 1.27
N PHE A 81 -22.44 5.60 2.53
CA PHE A 81 -23.57 5.08 3.29
C PHE A 81 -24.70 6.11 3.36
N GLN A 82 -24.33 7.37 3.56
CA GLN A 82 -25.32 8.43 3.64
C GLN A 82 -26.04 8.58 2.31
N HIS A 83 -25.29 8.47 1.21
CA HIS A 83 -25.90 8.55 -0.11
C HIS A 83 -26.88 7.40 -0.29
N LEU A 84 -26.52 6.22 0.18
CA LEU A 84 -27.35 5.03 0.05
C LEU A 84 -28.65 5.15 0.85
N ILE A 85 -28.59 5.81 1.99
CA ILE A 85 -29.75 5.98 2.85
C ILE A 85 -30.81 6.82 2.13
N ASN A 86 -30.44 8.04 1.75
CA ASN A 86 -31.39 8.96 1.13
C ASN A 86 -31.60 8.69 -0.37
N THR A 87 -31.39 7.44 -0.78
CA THR A 87 -31.77 6.98 -2.11
C THR A 87 -32.32 5.56 -2.03
N LYS A 88 -32.67 5.13 -0.82
CA LYS A 88 -33.02 3.75 -0.54
C LYS A 88 -34.22 3.25 -1.36
N PHE A 89 -35.05 4.16 -1.85
CA PHE A 89 -36.24 3.79 -2.61
C PHE A 89 -36.02 3.86 -4.12
N ASP A 90 -34.76 3.88 -4.54
CA ASP A 90 -34.41 3.93 -5.96
C ASP A 90 -33.40 2.83 -6.29
N SER A 91 -33.70 2.06 -7.34
CA SER A 91 -32.82 0.99 -7.80
C SER A 91 -32.71 -0.13 -6.78
N GLN A 92 -32.34 0.22 -5.55
CA GLN A 92 -32.41 -0.70 -4.39
C GLN A 92 -31.48 -1.90 -4.50
N TYR A 93 -31.70 -2.74 -5.51
CA TYR A 93 -30.94 -3.98 -5.66
C TYR A 93 -29.74 -3.80 -6.59
N MET A 94 -29.29 -2.56 -6.72
CA MET A 94 -28.22 -2.23 -7.67
C MET A 94 -27.00 -1.63 -6.98
N VAL A 95 -25.83 -1.85 -7.59
CA VAL A 95 -24.59 -1.28 -7.09
C VAL A 95 -24.58 0.23 -7.33
N LYS A 96 -24.37 0.99 -6.27
CA LYS A 96 -24.39 2.45 -6.35
C LYS A 96 -23.01 3.05 -6.04
N ALA A 97 -22.13 2.23 -5.46
CA ALA A 97 -20.77 2.67 -5.15
C ALA A 97 -19.77 1.58 -5.46
N VAL A 98 -18.76 1.92 -6.27
CA VAL A 98 -17.70 0.99 -6.64
C VAL A 98 -16.36 1.49 -6.11
N ILE A 99 -15.75 0.74 -5.20
CA ILE A 99 -14.48 1.13 -4.61
C ILE A 99 -13.35 0.24 -5.12
N VAL A 100 -12.32 0.86 -5.67
CA VAL A 100 -11.19 0.14 -6.27
C VAL A 100 -9.93 0.32 -5.44
N ALA A 101 -9.20 -0.77 -5.25
CA ALA A 101 -7.93 -0.74 -4.51
C ALA A 101 -6.84 -1.48 -5.29
N PRO A 102 -5.57 -1.10 -5.08
CA PRO A 102 -4.44 -1.68 -5.82
C PRO A 102 -4.02 -3.09 -5.39
N THR A 103 -4.46 -3.55 -4.22
CA THR A 103 -4.18 -4.92 -3.79
C THR A 103 -5.42 -5.59 -3.22
N ARG A 104 -5.47 -6.90 -3.34
CA ARG A 104 -6.61 -7.69 -2.88
C ARG A 104 -6.86 -7.50 -1.39
N ASP A 105 -5.79 -7.57 -0.60
CA ASP A 105 -5.90 -7.52 0.85
C ASP A 105 -6.44 -6.18 1.32
N LEU A 106 -6.12 -5.13 0.58
CA LEU A 106 -6.62 -3.79 0.90
C LEU A 106 -8.11 -3.70 0.58
N ALA A 107 -8.52 -4.31 -0.53
CA ALA A 107 -9.93 -4.35 -0.90
C ALA A 107 -10.73 -5.14 0.14
N LEU A 108 -10.15 -6.24 0.60
CA LEU A 108 -10.81 -7.07 1.60
C LEU A 108 -10.85 -6.36 2.95
N GLN A 109 -9.82 -5.55 3.21
CA GLN A 109 -9.79 -4.74 4.42
C GLN A 109 -10.93 -3.72 4.39
N ILE A 110 -11.06 -3.02 3.28
CA ILE A 110 -12.10 -2.00 3.13
C ILE A 110 -13.47 -2.64 3.32
N GLU A 111 -13.64 -3.84 2.78
CA GLU A 111 -14.88 -4.60 2.97
C GLU A 111 -15.14 -4.84 4.46
N ALA A 112 -14.09 -5.24 5.17
CA ALA A 112 -14.20 -5.50 6.60
C ALA A 112 -14.60 -4.25 7.37
N GLU A 113 -14.15 -3.10 6.89
CA GLU A 113 -14.51 -1.83 7.53
C GLU A 113 -15.98 -1.50 7.30
N VAL A 114 -16.49 -1.86 6.12
CA VAL A 114 -17.91 -1.72 5.84
C VAL A 114 -18.72 -2.64 6.75
N LYS A 115 -18.16 -3.82 7.02
CA LYS A 115 -18.83 -4.80 7.87
C LYS A 115 -18.82 -4.36 9.32
N LYS A 116 -17.81 -3.56 9.70
CA LYS A 116 -17.75 -2.99 11.04
C LYS A 116 -18.88 -1.98 11.23
N ILE A 117 -19.16 -1.21 10.19
CA ILE A 117 -20.27 -0.27 10.21
C ILE A 117 -21.59 -1.02 10.38
N HIS A 118 -21.71 -2.13 9.67
CA HIS A 118 -22.89 -2.99 9.77
C HIS A 118 -23.06 -3.53 11.19
N ASP A 119 -21.97 -3.97 11.80
CA ASP A 119 -22.03 -4.58 13.12
C ASP A 119 -22.36 -3.56 14.21
N MET A 120 -22.08 -2.28 13.95
CA MET A 120 -22.41 -1.22 14.90
C MET A 120 -23.88 -0.79 14.76
N ASN A 121 -24.51 -1.17 13.65
CA ASN A 121 -25.92 -0.88 13.44
C ASN A 121 -26.52 -1.85 12.42
N TYR A 122 -27.23 -2.86 12.91
CA TYR A 122 -27.82 -3.89 12.05
C TYR A 122 -28.80 -3.29 11.04
N GLY A 123 -29.23 -2.06 11.30
CA GLY A 123 -30.13 -1.36 10.40
C GLY A 123 -29.49 -1.07 9.05
N LEU A 124 -28.15 -1.02 9.03
CA LEU A 124 -27.41 -0.70 7.83
C LEU A 124 -27.07 -1.93 7.00
N LYS A 125 -27.39 -3.11 7.51
CA LYS A 125 -27.07 -4.35 6.81
C LYS A 125 -27.85 -4.49 5.50
N LYS A 126 -28.97 -3.78 5.38
CA LYS A 126 -29.77 -3.82 4.16
C LYS A 126 -28.97 -3.29 2.97
N TYR A 127 -28.01 -2.43 3.26
CA TYR A 127 -27.09 -1.93 2.24
C TYR A 127 -25.90 -2.88 2.14
N ALA A 128 -26.11 -4.00 1.46
CA ALA A 128 -25.13 -5.09 1.44
C ALA A 128 -23.86 -4.70 0.70
N CYS A 129 -22.81 -5.48 0.93
CA CYS A 129 -21.51 -5.23 0.34
C CYS A 129 -20.91 -6.55 -0.13
N VAL A 130 -20.27 -6.52 -1.30
CA VAL A 130 -19.59 -7.70 -1.84
C VAL A 130 -18.24 -7.31 -2.39
N SER A 131 -17.22 -8.09 -2.05
CA SER A 131 -15.86 -7.85 -2.53
C SER A 131 -15.58 -8.68 -3.77
N LEU A 132 -14.90 -8.07 -4.73
CA LEU A 132 -14.55 -8.74 -5.98
C LEU A 132 -13.06 -8.65 -6.26
N VAL A 133 -12.34 -9.70 -5.85
CA VAL A 133 -10.88 -9.72 -5.97
C VAL A 133 -10.39 -11.04 -6.56
N GLY A 134 -9.18 -11.01 -7.12
CA GLY A 134 -8.57 -12.22 -7.63
C GLY A 134 -8.22 -13.19 -6.51
N GLY A 135 -7.94 -14.43 -6.87
CA GLY A 135 -7.56 -15.44 -5.89
C GLY A 135 -8.74 -15.97 -5.08
N THR A 136 -9.96 -15.60 -5.49
CA THR A 136 -11.17 -16.09 -4.85
C THR A 136 -12.06 -16.78 -5.87
N ASP A 137 -12.95 -17.63 -5.40
CA ASP A 137 -13.83 -18.38 -6.29
C ASP A 137 -14.78 -17.42 -7.01
N PHE A 138 -14.67 -17.38 -8.33
CA PHE A 138 -15.44 -16.45 -9.15
C PHE A 138 -16.94 -16.71 -9.05
N ARG A 139 -17.32 -17.99 -9.12
CA ARG A 139 -18.73 -18.36 -9.09
C ARG A 139 -19.36 -18.05 -7.74
N ALA A 140 -18.62 -18.29 -6.67
CA ALA A 140 -19.10 -18.04 -5.32
C ALA A 140 -19.38 -16.56 -5.11
N ALA A 141 -18.53 -15.72 -5.69
CA ALA A 141 -18.69 -14.27 -5.57
C ALA A 141 -19.93 -13.79 -6.30
N MET A 142 -20.19 -14.38 -7.47
CA MET A 142 -21.37 -14.00 -8.25
C MET A 142 -22.65 -14.46 -7.56
N ASN A 143 -22.60 -15.65 -6.95
CA ASN A 143 -23.73 -16.14 -6.16
C ASN A 143 -24.01 -15.20 -5.00
N LYS A 144 -22.95 -14.65 -4.43
CA LYS A 144 -23.07 -13.66 -3.37
C LYS A 144 -23.65 -12.37 -3.94
N MET A 145 -23.27 -12.06 -5.17
CA MET A 145 -23.79 -10.87 -5.86
C MET A 145 -25.29 -10.99 -6.09
N ASN A 146 -25.72 -12.16 -6.56
CA ASN A 146 -27.13 -12.41 -6.83
C ASN A 146 -27.96 -12.48 -5.56
N LYS A 147 -27.37 -13.06 -4.52
CA LYS A 147 -28.08 -13.28 -3.26
C LYS A 147 -28.27 -11.98 -2.47
N LEU A 148 -27.20 -11.20 -2.35
CA LEU A 148 -27.22 -10.00 -1.52
C LEU A 148 -27.71 -8.77 -2.29
N ARG A 149 -27.48 -8.75 -3.59
CA ARG A 149 -27.77 -7.58 -4.42
C ARG A 149 -27.16 -6.33 -3.79
N PRO A 150 -25.83 -6.33 -3.63
CA PRO A 150 -25.11 -5.28 -2.89
C PRO A 150 -25.24 -3.90 -3.48
N ASN A 151 -25.27 -2.88 -2.62
CA ASN A 151 -25.21 -1.49 -3.05
C ASN A 151 -23.77 -0.99 -3.11
N ILE A 152 -22.86 -1.74 -2.48
CA ILE A 152 -21.44 -1.38 -2.45
C ILE A 152 -20.58 -2.53 -2.95
N VAL A 153 -19.67 -2.21 -3.87
CA VAL A 153 -18.71 -3.19 -4.38
C VAL A 153 -17.30 -2.70 -4.10
N ILE A 154 -16.50 -3.57 -3.48
CA ILE A 154 -15.07 -3.33 -3.29
C ILE A 154 -14.33 -4.30 -4.20
N ALA A 155 -13.34 -3.81 -4.94
CA ALA A 155 -12.69 -4.67 -5.92
C ALA A 155 -11.25 -4.28 -6.25
N THR A 156 -10.55 -5.24 -6.84
CA THR A 156 -9.28 -4.97 -7.50
C THR A 156 -9.56 -4.92 -9.00
N PRO A 157 -8.74 -4.15 -9.74
CA PRO A 157 -9.05 -3.88 -11.16
C PRO A 157 -9.25 -5.12 -12.02
N GLY A 158 -8.39 -6.12 -11.85
CA GLY A 158 -8.43 -7.32 -12.67
C GLY A 158 -9.75 -8.06 -12.61
N ARG A 159 -10.13 -8.48 -11.41
CA ARG A 159 -11.37 -9.23 -11.21
C ARG A 159 -12.57 -8.39 -11.60
N LEU A 160 -12.51 -7.09 -11.33
CA LEU A 160 -13.62 -6.19 -11.61
C LEU A 160 -13.92 -6.14 -13.11
N ILE A 161 -12.87 -6.07 -13.92
CA ILE A 161 -13.05 -6.03 -15.37
C ILE A 161 -13.69 -7.32 -15.86
N ASP A 162 -13.27 -8.46 -15.30
CA ASP A 162 -13.87 -9.74 -15.63
C ASP A 162 -15.38 -9.72 -15.38
N VAL A 163 -15.76 -9.21 -14.22
CA VAL A 163 -17.17 -9.15 -13.83
C VAL A 163 -17.94 -8.16 -14.69
N LEU A 164 -17.34 -7.00 -14.96
CA LEU A 164 -18.01 -5.96 -15.73
C LEU A 164 -18.24 -6.40 -17.18
N GLU A 165 -17.28 -7.12 -17.75
CA GLU A 165 -17.41 -7.60 -19.11
C GLU A 165 -18.59 -8.56 -19.27
N LYS A 166 -18.99 -9.17 -18.16
CA LYS A 166 -20.00 -10.23 -18.20
C LYS A 166 -21.33 -9.84 -17.57
N TYR A 167 -21.31 -8.92 -16.60
CA TYR A 167 -22.50 -8.63 -15.80
C TYR A 167 -22.74 -7.14 -15.56
N SER A 168 -22.18 -6.30 -16.41
CA SER A 168 -22.33 -4.85 -16.26
C SER A 168 -23.81 -4.42 -16.27
N ASN A 169 -24.58 -5.00 -17.19
CA ASN A 169 -26.01 -4.67 -17.28
C ASN A 169 -26.78 -5.06 -16.03
N LYS A 170 -26.38 -6.16 -15.41
CA LYS A 170 -27.17 -6.73 -14.33
C LYS A 170 -27.07 -5.94 -13.03
N PHE A 171 -25.89 -5.40 -12.72
CA PHE A 171 -25.64 -4.80 -11.42
C PHE A 171 -25.19 -3.34 -11.46
N PHE A 172 -24.56 -2.91 -12.56
CA PHE A 172 -23.80 -1.65 -12.55
C PHE A 172 -24.37 -0.54 -13.45
N ARG A 173 -25.67 -0.61 -13.76
CA ARG A 173 -26.29 0.40 -14.61
C ARG A 173 -26.71 1.64 -13.83
N PHE A 174 -26.54 1.62 -12.50
CA PHE A 174 -27.01 2.71 -11.65
C PHE A 174 -25.95 3.15 -10.64
N VAL A 175 -24.68 3.08 -11.03
CA VAL A 175 -23.59 3.53 -10.17
C VAL A 175 -23.59 5.06 -10.11
N ASP A 176 -23.42 5.59 -8.90
CA ASP A 176 -23.35 7.04 -8.69
C ASP A 176 -21.97 7.47 -8.21
N TYR A 177 -21.28 6.57 -7.50
CA TYR A 177 -19.96 6.86 -6.97
C TYR A 177 -18.95 5.81 -7.37
N LYS A 178 -17.75 6.25 -7.73
CA LYS A 178 -16.62 5.34 -7.83
C LYS A 178 -15.45 5.94 -7.06
N VAL A 179 -14.76 5.10 -6.30
CA VAL A 179 -13.68 5.54 -5.43
C VAL A 179 -12.36 4.89 -5.81
N LEU A 180 -11.34 5.71 -6.05
CA LEU A 180 -9.98 5.23 -6.26
C LEU A 180 -9.16 5.43 -5.00
N ASP A 181 -9.12 4.40 -4.15
CA ASP A 181 -8.27 4.45 -2.97
C ASP A 181 -6.84 4.16 -3.41
N GLU A 182 -5.88 4.87 -2.80
CA GLU A 182 -4.50 4.85 -3.28
C GLU A 182 -4.48 5.28 -4.74
N ALA A 183 -5.16 6.40 -5.01
CA ALA A 183 -5.45 6.85 -6.37
C ALA A 183 -4.22 6.95 -7.25
N ASP A 184 -3.17 7.58 -6.73
CA ASP A 184 -1.96 7.82 -7.51
C ASP A 184 -1.39 6.52 -8.07
N ARG A 185 -1.43 5.46 -7.25
CA ARG A 185 -0.95 4.15 -7.69
C ARG A 185 -1.83 3.57 -8.79
N LEU A 186 -3.14 3.69 -8.62
CA LEU A 186 -4.08 3.15 -9.61
C LEU A 186 -4.02 3.92 -10.93
N LEU A 187 -3.39 5.08 -10.91
CA LEU A 187 -3.27 5.93 -12.11
C LEU A 187 -1.87 5.82 -12.73
N GLU A 188 -1.05 4.92 -12.19
CA GLU A 188 0.27 4.65 -12.76
C GLU A 188 0.16 3.60 -13.88
N ILE A 189 1.19 3.53 -14.71
CA ILE A 189 1.25 2.55 -15.78
C ILE A 189 1.13 1.14 -15.18
N GLY A 190 0.31 0.30 -15.81
CA GLY A 190 0.03 -1.02 -15.30
C GLY A 190 -1.33 -1.10 -14.63
N PHE A 191 -1.84 0.05 -14.21
CA PHE A 191 -3.18 0.14 -13.63
C PHE A 191 -4.05 1.15 -14.37
N ARG A 192 -3.44 2.17 -14.96
CA ARG A 192 -4.17 3.27 -15.57
C ARG A 192 -5.13 2.78 -16.65
N ASP A 193 -4.64 1.96 -17.56
CA ASP A 193 -5.48 1.43 -18.64
C ASP A 193 -6.66 0.63 -18.09
N ASP A 194 -6.43 -0.10 -17.00
CA ASP A 194 -7.48 -0.91 -16.40
C ASP A 194 -8.60 -0.04 -15.84
N LEU A 195 -8.23 1.02 -15.13
CA LEU A 195 -9.22 1.91 -14.53
C LEU A 195 -9.96 2.73 -15.59
N GLU A 196 -9.29 3.00 -16.71
CA GLU A 196 -9.94 3.67 -17.82
C GLU A 196 -10.96 2.73 -18.45
N THR A 197 -10.62 1.45 -18.51
CA THR A 197 -11.56 0.43 -18.99
C THR A 197 -12.76 0.32 -18.04
N ILE A 198 -12.47 0.32 -16.74
CA ILE A 198 -13.53 0.24 -15.74
C ILE A 198 -14.44 1.46 -15.83
N SER A 199 -13.83 2.64 -15.83
CA SER A 199 -14.59 3.89 -15.87
C SER A 199 -15.45 4.00 -17.13
N GLY A 200 -14.91 3.55 -18.26
CA GLY A 200 -15.61 3.61 -19.52
C GLY A 200 -16.84 2.73 -19.56
N ILE A 201 -16.71 1.52 -19.02
CA ILE A 201 -17.82 0.57 -18.98
C ILE A 201 -18.94 1.08 -18.06
N LEU A 202 -18.56 1.63 -16.92
CA LEU A 202 -19.55 2.14 -15.97
C LEU A 202 -20.29 3.34 -16.54
N ASN A 203 -19.57 4.21 -17.24
CA ASN A 203 -20.18 5.38 -17.86
C ASN A 203 -21.08 4.98 -19.02
N GLU A 204 -20.60 4.07 -19.85
CA GLU A 204 -21.35 3.58 -21.01
C GLU A 204 -22.65 2.91 -20.58
N LYS A 205 -22.62 2.26 -19.43
CA LYS A 205 -23.74 1.44 -18.97
C LYS A 205 -24.70 2.20 -18.06
N ASN A 206 -24.31 3.39 -17.63
CA ASN A 206 -25.13 4.15 -16.69
C ASN A 206 -26.48 4.51 -17.29
N SER A 207 -27.52 4.45 -16.47
CA SER A 207 -28.90 4.63 -16.94
C SER A 207 -29.26 6.10 -17.15
N LYS A 208 -28.65 6.99 -16.38
CA LYS A 208 -28.97 8.41 -16.45
C LYS A 208 -28.14 9.12 -17.51
N SER A 209 -26.82 9.11 -17.33
CA SER A 209 -25.92 9.75 -18.29
C SER A 209 -24.50 9.21 -18.18
N ALA A 210 -23.71 9.45 -19.21
CA ALA A 210 -22.31 9.01 -19.25
C ALA A 210 -21.44 9.80 -18.27
N ASP A 211 -21.98 10.90 -17.76
CA ASP A 211 -21.25 11.76 -16.82
C ASP A 211 -21.92 11.77 -15.45
N ASN A 212 -22.83 10.83 -15.22
CA ASN A 212 -23.55 10.75 -13.95
C ASN A 212 -22.64 10.39 -12.77
N ILE A 213 -21.76 9.42 -12.98
CA ILE A 213 -20.92 8.92 -11.89
C ILE A 213 -19.96 9.99 -11.37
N LYS A 214 -19.87 10.06 -10.05
CA LYS A 214 -18.98 10.99 -9.37
C LYS A 214 -17.75 10.23 -8.85
N THR A 215 -16.57 10.79 -9.07
CA THR A 215 -15.32 10.10 -8.78
C THR A 215 -14.58 10.69 -7.58
N LEU A 216 -14.13 9.82 -6.68
CA LEU A 216 -13.37 10.23 -5.49
C LEU A 216 -11.97 9.65 -5.51
N LEU A 217 -10.97 10.51 -5.40
CA LEU A 217 -9.56 10.10 -5.38
C LEU A 217 -8.94 10.33 -4.01
N PHE A 218 -8.44 9.25 -3.40
CA PHE A 218 -7.83 9.31 -2.07
C PHE A 218 -6.43 8.71 -2.05
N SER A 219 -5.52 9.37 -1.36
CA SER A 219 -4.17 8.84 -1.13
C SER A 219 -3.39 9.73 -0.17
N ALA A 220 -2.33 9.20 0.39
CA ALA A 220 -1.42 9.96 1.23
C ALA A 220 -0.38 10.70 0.37
N THR A 221 -0.25 10.27 -0.88
CA THR A 221 0.71 10.86 -1.81
C THR A 221 0.09 11.16 -3.17
N LEU A 222 -0.19 12.44 -3.42
CA LEU A 222 -0.62 12.88 -4.74
C LEU A 222 -0.49 14.40 -4.86
N ASP A 223 -0.56 14.89 -6.09
CA ASP A 223 -0.40 16.31 -6.37
C ASP A 223 -1.45 16.75 -7.40
N ASP A 224 -1.08 17.64 -8.31
CA ASP A 224 -1.97 18.06 -9.40
C ASP A 224 -1.74 17.18 -10.62
N LYS A 225 -0.62 16.46 -10.64
CA LYS A 225 -0.28 15.57 -11.74
C LYS A 225 -1.31 14.45 -11.89
N VAL A 226 -1.84 13.99 -10.78
CA VAL A 226 -2.82 12.91 -10.80
C VAL A 226 -4.14 13.37 -11.44
N GLN A 227 -4.46 14.64 -11.23
CA GLN A 227 -5.65 15.23 -11.83
C GLN A 227 -5.56 15.16 -13.36
N LYS A 228 -4.34 15.34 -13.87
CA LYS A 228 -4.09 15.22 -15.29
C LYS A 228 -4.09 13.76 -15.71
N LEU A 229 -3.51 12.91 -14.87
CA LEU A 229 -3.44 11.47 -15.16
C LEU A 229 -4.82 10.83 -15.09
N ALA A 230 -5.76 11.49 -14.43
CA ALA A 230 -7.10 10.97 -14.24
C ALA A 230 -8.13 11.70 -15.10
N ASN A 231 -7.67 12.63 -15.93
CA ASN A 231 -8.56 13.47 -16.72
C ASN A 231 -9.60 12.67 -17.52
N ASN A 232 -9.25 11.43 -17.87
CA ASN A 232 -10.14 10.59 -18.66
C ASN A 232 -11.20 9.84 -17.84
N ILE A 233 -11.03 9.80 -16.53
CA ILE A 233 -11.97 9.09 -15.65
C ILE A 233 -12.80 10.05 -14.79
N MET A 234 -12.52 11.34 -14.89
CA MET A 234 -13.25 12.36 -14.13
C MET A 234 -14.36 12.95 -15.00
N ASN A 235 -15.61 12.68 -14.63
CA ASN A 235 -16.76 13.08 -15.44
C ASN A 235 -17.18 14.53 -15.25
N LYS A 236 -17.23 14.98 -14.01
CA LYS A 236 -17.77 16.30 -13.69
C LYS A 236 -16.91 17.42 -14.28
N LYS A 237 -17.45 18.63 -14.24
CA LYS A 237 -16.82 19.79 -14.87
C LYS A 237 -15.82 20.46 -13.93
N GLU A 238 -16.15 20.44 -12.63
CA GLU A 238 -15.27 20.98 -11.60
C GLU A 238 -14.72 19.86 -10.73
N CYS A 239 -13.66 20.16 -9.99
CA CYS A 239 -13.03 19.16 -9.13
C CYS A 239 -12.44 19.81 -7.88
N LEU A 240 -12.87 19.36 -6.72
CA LEU A 240 -12.38 19.87 -5.45
C LEU A 240 -11.12 19.14 -5.01
N PHE A 241 -10.10 19.90 -4.60
CA PHE A 241 -8.88 19.33 -4.03
C PHE A 241 -8.87 19.61 -2.53
N LEU A 242 -9.26 18.61 -1.75
CA LEU A 242 -9.33 18.72 -0.30
C LEU A 242 -8.01 18.27 0.33
N ASP A 243 -7.18 19.22 0.72
CA ASP A 243 -5.84 18.93 1.21
C ASP A 243 -5.68 19.31 2.69
N THR A 244 -5.42 18.30 3.52
CA THR A 244 -5.12 18.53 4.94
C THR A 244 -3.62 18.54 5.17
N VAL A 245 -2.88 18.92 4.14
CA VAL A 245 -1.42 19.00 4.20
C VAL A 245 -0.95 20.24 3.46
N ASP A 246 -0.11 21.05 4.09
CA ASP A 246 0.42 22.25 3.45
C ASP A 246 1.23 21.88 2.23
N LYS A 247 1.34 22.82 1.28
CA LYS A 247 2.01 22.58 0.02
C LYS A 247 3.46 22.15 0.22
N ASN A 248 4.18 22.87 1.08
CA ASN A 248 5.59 22.59 1.33
C ASN A 248 5.79 21.46 2.33
N GLU A 249 4.76 21.17 3.11
CA GLU A 249 4.84 20.15 4.16
C GLU A 249 5.13 18.76 3.55
N PRO A 250 5.95 17.95 4.23
CA PRO A 250 6.22 16.61 3.69
C PRO A 250 5.06 15.66 3.90
N GLU A 251 4.79 14.81 2.92
CA GLU A 251 3.65 13.91 2.97
C GLU A 251 3.81 12.81 4.00
N ALA A 252 5.06 12.55 4.40
CA ALA A 252 5.33 11.56 5.43
C ALA A 252 4.78 12.03 6.77
N HIS A 253 4.32 11.09 7.59
CA HIS A 253 3.75 11.41 8.89
C HIS A 253 4.85 11.88 9.84
N GLU A 254 4.67 13.08 10.39
CA GLU A 254 5.70 13.70 11.21
C GLU A 254 5.97 12.95 12.51
N ARG A 255 4.99 12.18 12.97
CA ARG A 255 5.11 11.50 14.25
C ARG A 255 6.01 10.27 14.17
N ILE A 256 6.31 9.83 12.95
CA ILE A 256 7.20 8.69 12.76
C ILE A 256 8.65 9.09 13.00
N ASP A 257 9.33 8.32 13.85
CA ASP A 257 10.74 8.56 14.14
C ASP A 257 11.60 7.81 13.12
N GLN A 258 12.01 8.52 12.07
CA GLN A 258 12.73 7.91 10.96
C GLN A 258 14.23 7.86 11.18
N SER A 259 14.86 6.85 10.61
CA SER A 259 16.31 6.72 10.65
C SER A 259 16.79 5.86 9.48
N VAL A 260 18.07 5.97 9.15
CA VAL A 260 18.66 5.18 8.09
C VAL A 260 19.99 4.58 8.55
N VAL A 261 20.14 3.28 8.33
CA VAL A 261 21.38 2.58 8.63
C VAL A 261 22.12 2.30 7.33
N ILE A 262 23.28 2.94 7.16
CA ILE A 262 24.04 2.85 5.93
C ILE A 262 25.22 1.90 6.09
N SER A 263 25.33 0.94 5.18
CA SER A 263 26.43 -0.02 5.19
C SER A 263 27.28 0.13 3.93
N GLU A 264 28.42 -0.56 3.91
CA GLU A 264 29.29 -0.52 2.75
C GLU A 264 28.73 -1.39 1.63
N LYS A 265 28.24 -2.56 2.00
CA LYS A 265 27.65 -3.50 1.04
C LYS A 265 26.15 -3.63 1.25
N PHE A 266 25.46 -4.21 0.28
CA PHE A 266 24.02 -4.43 0.38
C PHE A 266 23.72 -5.65 1.25
N ALA A 267 24.58 -6.66 1.15
CA ALA A 267 24.36 -7.94 1.81
C ALA A 267 24.27 -7.79 3.33
N ASN A 268 25.04 -6.87 3.91
CA ASN A 268 25.10 -6.75 5.35
C ASN A 268 24.07 -5.76 5.92
N SER A 269 23.17 -5.29 5.06
CA SER A 269 21.96 -4.66 5.55
C SER A 269 21.13 -5.74 6.24
N ILE A 270 21.30 -6.97 5.76
CA ILE A 270 20.69 -8.14 6.40
C ILE A 270 21.20 -8.27 7.83
N PHE A 271 22.52 -8.23 7.98
CA PHE A 271 23.15 -8.39 9.29
C PHE A 271 22.75 -7.27 10.24
N ALA A 272 22.68 -6.05 9.71
CA ALA A 272 22.26 -4.89 10.49
C ALA A 272 20.84 -5.06 11.03
N ALA A 273 19.95 -5.52 10.16
CA ALA A 273 18.55 -5.70 10.52
C ALA A 273 18.38 -6.77 11.58
N VAL A 274 19.14 -7.86 11.45
CA VAL A 274 19.09 -8.94 12.43
C VAL A 274 19.55 -8.44 13.79
N GLU A 275 20.62 -7.64 13.81
CA GLU A 275 21.13 -7.09 15.06
C GLU A 275 20.15 -6.09 15.64
N HIS A 276 19.47 -5.34 14.78
CA HIS A 276 18.48 -4.37 15.23
C HIS A 276 17.30 -5.07 15.88
N ILE A 277 16.79 -6.09 15.20
CA ILE A 277 15.66 -6.86 15.71
C ILE A 277 16.04 -7.55 17.02
N LYS A 278 17.22 -8.13 17.05
CA LYS A 278 17.74 -8.79 18.24
C LYS A 278 17.73 -7.82 19.42
N LYS A 279 18.30 -6.64 19.20
CA LYS A 279 18.34 -5.61 20.22
C LYS A 279 16.94 -5.18 20.65
N GLN A 280 16.01 -5.20 19.71
CA GLN A 280 14.65 -4.74 19.97
C GLN A 280 13.86 -5.76 20.78
N ILE A 281 14.07 -7.04 20.48
CA ILE A 281 13.40 -8.11 21.20
C ILE A 281 13.87 -8.15 22.65
N LYS A 282 15.16 -7.92 22.87
CA LYS A 282 15.70 -7.90 24.23
C LYS A 282 15.11 -6.77 25.04
N GLU A 283 15.21 -5.55 24.51
CA GLU A 283 14.75 -4.37 25.23
C GLU A 283 13.25 -4.40 25.49
N ARG A 284 12.47 -4.77 24.48
CA ARG A 284 11.02 -4.78 24.60
C ARG A 284 10.52 -6.08 25.24
N ASP A 285 11.45 -6.99 25.54
CA ASP A 285 11.11 -8.28 26.15
C ASP A 285 10.08 -9.02 25.30
N SER A 286 10.39 -9.17 24.03
CA SER A 286 9.55 -9.90 23.07
C SER A 286 8.20 -9.23 22.81
N ASN A 287 7.96 -8.08 23.42
CA ASN A 287 6.75 -7.31 23.15
C ASN A 287 6.99 -6.42 21.93
N TYR A 288 7.17 -7.07 20.79
CA TYR A 288 7.66 -6.42 19.58
C TYR A 288 6.79 -6.78 18.38
N LYS A 289 6.18 -5.76 17.77
CA LYS A 289 5.41 -5.91 16.55
C LYS A 289 6.03 -5.03 15.47
N ALA A 290 6.51 -5.66 14.41
CA ALA A 290 7.24 -4.94 13.38
C ALA A 290 6.95 -5.47 11.98
N ILE A 291 7.12 -4.61 10.99
CA ILE A 291 6.98 -4.98 9.59
C ILE A 291 8.31 -4.68 8.89
N ILE A 292 8.88 -5.69 8.23
CA ILE A 292 10.11 -5.51 7.48
C ILE A 292 9.85 -5.69 6.00
N PHE A 293 10.19 -4.67 5.22
CA PHE A 293 9.96 -4.68 3.77
C PHE A 293 11.21 -5.13 3.01
N ALA A 294 11.01 -5.87 1.92
CA ALA A 294 12.09 -6.31 1.06
C ALA A 294 11.75 -6.02 -0.40
N PRO A 295 12.79 -5.89 -1.26
CA PRO A 295 12.55 -5.45 -2.63
C PRO A 295 11.91 -6.51 -3.53
N THR A 296 11.96 -7.77 -3.12
CA THR A 296 11.64 -8.87 -4.01
C THR A 296 11.02 -10.06 -3.30
N VAL A 297 10.17 -10.80 -4.02
CA VAL A 297 9.52 -11.99 -3.49
C VAL A 297 10.53 -13.04 -3.02
N LYS A 298 11.44 -13.42 -3.91
CA LYS A 298 12.43 -14.44 -3.57
C LYS A 298 13.32 -14.02 -2.41
N PHE A 299 13.65 -12.74 -2.34
CA PHE A 299 14.45 -12.24 -1.22
C PHE A 299 13.62 -12.18 0.05
N THR A 300 12.35 -11.85 -0.08
CA THR A 300 11.42 -11.84 1.05
C THR A 300 11.34 -13.23 1.68
N SER A 301 11.18 -14.24 0.83
CA SER A 301 11.12 -15.63 1.30
C SER A 301 12.44 -16.03 1.94
N PHE A 302 13.53 -15.54 1.39
CA PHE A 302 14.86 -15.82 1.91
C PHE A 302 15.06 -15.12 3.25
N LEU A 303 14.72 -13.84 3.30
CA LEU A 303 14.83 -13.06 4.53
C LEU A 303 13.98 -13.69 5.63
N CYS A 304 12.82 -14.20 5.22
CA CYS A 304 11.91 -14.88 6.15
C CYS A 304 12.58 -16.11 6.75
N SER A 305 13.27 -16.88 5.90
CA SER A 305 13.95 -18.10 6.35
C SER A 305 15.01 -17.79 7.39
N ILE A 306 15.74 -16.69 7.20
CA ILE A 306 16.75 -16.26 8.15
C ILE A 306 16.12 -15.87 9.48
N LEU A 307 15.08 -15.05 9.43
CA LEU A 307 14.45 -14.51 10.63
C LEU A 307 13.76 -15.61 11.45
N LYS A 308 13.31 -16.66 10.79
CA LYS A 308 12.77 -17.81 11.50
C LYS A 308 13.86 -18.47 12.32
N ASN A 309 14.98 -18.80 11.67
CA ASN A 309 16.11 -19.45 12.34
C ASN A 309 16.61 -18.63 13.53
N GLU A 310 16.54 -17.32 13.40
CA GLU A 310 17.03 -16.42 14.44
C GLU A 310 16.00 -16.14 15.53
N PHE A 311 14.76 -15.84 15.13
CA PHE A 311 13.80 -15.22 16.05
C PHE A 311 12.48 -15.96 16.23
N LYS A 312 12.30 -17.11 15.58
CA LYS A 312 11.03 -17.83 15.70
C LYS A 312 10.80 -18.23 17.16
N LYS A 313 11.89 -18.43 17.89
CA LYS A 313 11.82 -18.79 19.31
C LYS A 313 11.27 -17.63 20.13
N ASP A 314 11.36 -16.41 19.59
CA ASP A 314 10.94 -15.21 20.31
C ASP A 314 9.61 -14.66 19.78
N LEU A 315 9.40 -14.75 18.48
CA LEU A 315 8.24 -14.14 17.84
C LEU A 315 7.74 -14.95 16.66
N PRO A 316 6.44 -14.82 16.34
CA PRO A 316 5.95 -15.39 15.08
C PRO A 316 6.55 -14.66 13.88
N ILE A 317 6.90 -15.39 12.84
CA ILE A 317 7.42 -14.80 11.60
C ILE A 317 6.47 -15.11 10.46
N LEU A 318 5.86 -14.07 9.89
CA LEU A 318 4.86 -14.25 8.84
C LEU A 318 5.40 -13.81 7.47
N GLU A 319 5.18 -14.66 6.47
CA GLU A 319 5.63 -14.40 5.10
C GLU A 319 4.46 -13.95 4.23
N PHE A 320 4.58 -12.75 3.67
CA PHE A 320 3.48 -12.10 2.96
C PHE A 320 3.91 -11.48 1.63
N HIS A 321 3.52 -12.12 0.53
CA HIS A 321 3.78 -11.59 -0.80
C HIS A 321 2.84 -12.20 -1.83
N GLY A 322 2.93 -11.73 -3.08
CA GLY A 322 1.99 -12.10 -4.12
C GLY A 322 2.01 -13.56 -4.54
N LYS A 323 3.02 -14.30 -4.11
CA LYS A 323 3.12 -15.72 -4.44
C LYS A 323 2.58 -16.59 -3.30
N ILE A 324 2.16 -15.94 -2.22
CA ILE A 324 1.43 -16.62 -1.16
C ILE A 324 -0.01 -16.79 -1.63
N THR A 325 -0.55 -18.00 -1.49
CA THR A 325 -1.93 -18.27 -1.88
C THR A 325 -2.87 -17.29 -1.17
N GLN A 326 -3.92 -16.87 -1.88
CA GLN A 326 -4.77 -15.79 -1.38
C GLN A 326 -5.46 -16.15 -0.06
N ASN A 327 -5.78 -17.42 0.13
CA ASN A 327 -6.35 -17.87 1.40
C ASN A 327 -5.39 -17.60 2.56
N LYS A 328 -4.11 -17.87 2.34
CA LYS A 328 -3.10 -17.67 3.36
C LYS A 328 -2.83 -16.19 3.57
N ARG A 329 -2.84 -15.43 2.49
CA ARG A 329 -2.68 -13.98 2.57
C ARG A 329 -3.75 -13.40 3.50
N THR A 330 -4.99 -13.82 3.32
CA THR A 330 -6.09 -13.33 4.13
C THR A 330 -5.93 -13.79 5.58
N SER A 331 -5.51 -15.03 5.77
CA SER A 331 -5.35 -15.61 7.10
C SER A 331 -4.30 -14.87 7.92
N LEU A 332 -3.14 -14.61 7.33
CA LEU A 332 -2.05 -13.99 8.06
C LEU A 332 -2.33 -12.50 8.29
N VAL A 333 -3.10 -11.89 7.40
CA VAL A 333 -3.44 -10.47 7.54
C VAL A 333 -4.32 -10.26 8.76
N LYS A 334 -5.31 -11.12 8.96
CA LYS A 334 -6.20 -10.96 10.09
C LYS A 334 -5.52 -11.39 11.39
N ARG A 335 -4.57 -12.31 11.31
CA ARG A 335 -3.78 -12.68 12.48
C ARG A 335 -2.90 -11.52 12.93
N PHE A 336 -2.12 -10.96 12.00
CA PHE A 336 -1.22 -9.88 12.34
C PHE A 336 -1.98 -8.62 12.76
N LYS A 337 -3.24 -8.53 12.33
CA LYS A 337 -4.11 -7.46 12.80
C LYS A 337 -4.41 -7.62 14.28
N LYS A 338 -4.67 -8.85 14.71
CA LYS A 338 -5.05 -9.13 16.09
C LYS A 338 -3.84 -9.22 17.02
N ASP A 339 -2.80 -9.94 16.58
CA ASP A 339 -1.64 -10.22 17.42
C ASP A 339 -0.97 -8.96 17.96
N GLU A 340 -0.45 -9.08 19.18
CA GLU A 340 0.18 -7.97 19.87
C GLU A 340 1.66 -7.86 19.47
N SER A 341 2.19 -8.95 18.95
CA SER A 341 3.60 -9.02 18.59
C SER A 341 3.80 -9.90 17.36
N GLY A 342 5.01 -9.90 16.83
CA GLY A 342 5.36 -10.70 15.67
C GLY A 342 6.01 -9.86 14.58
N ILE A 343 6.64 -10.54 13.63
CA ILE A 343 7.31 -9.87 12.52
C ILE A 343 6.65 -10.25 11.21
N LEU A 344 6.10 -9.25 10.53
CA LEU A 344 5.56 -9.42 9.18
C LEU A 344 6.64 -9.11 8.17
N VAL A 345 7.03 -10.12 7.39
CA VAL A 345 8.03 -9.96 6.34
C VAL A 345 7.32 -9.95 5.00
N CYS A 346 7.45 -8.86 4.25
CA CYS A 346 6.65 -8.70 3.04
C CYS A 346 7.25 -7.82 1.95
N THR A 347 6.69 -7.96 0.75
CA THR A 347 7.00 -7.07 -0.37
C THR A 347 6.13 -5.82 -0.29
N ASP A 348 6.14 -5.03 -1.36
CA ASP A 348 5.35 -3.82 -1.43
C ASP A 348 3.85 -4.12 -1.62
N VAL A 349 3.49 -5.40 -1.64
CA VAL A 349 2.09 -5.79 -1.62
C VAL A 349 1.43 -5.24 -0.34
N GLY A 350 2.24 -5.07 0.71
CA GLY A 350 1.76 -4.58 1.99
C GLY A 350 2.22 -3.16 2.29
N ALA A 351 2.66 -2.44 1.26
CA ALA A 351 3.16 -1.08 1.46
C ALA A 351 2.03 -0.07 1.70
N ARG A 352 0.92 -0.25 0.97
CA ARG A 352 -0.16 0.73 0.97
C ARG A 352 -1.42 0.24 1.67
N GLY A 353 -2.04 1.13 2.44
CA GLY A 353 -3.40 0.93 2.91
C GLY A 353 -3.59 0.02 4.11
N MET A 354 -2.84 -1.07 4.16
CA MET A 354 -3.05 -2.09 5.19
C MET A 354 -2.89 -1.51 6.59
N ASP A 355 -3.89 -1.77 7.42
CA ASP A 355 -3.98 -1.19 8.76
C ASP A 355 -3.78 -2.26 9.82
N PHE A 356 -2.56 -2.32 10.35
CA PHE A 356 -2.23 -3.23 11.43
C PHE A 356 -2.05 -2.44 12.72
N PRO A 357 -3.00 -2.58 13.66
CA PRO A 357 -2.93 -1.76 14.89
C PRO A 357 -1.63 -1.93 15.67
N ASN A 358 -1.09 -0.82 16.14
CA ASN A 358 0.02 -0.82 17.08
C ASN A 358 1.28 -1.54 16.59
N VAL A 359 1.68 -1.26 15.35
CA VAL A 359 2.98 -1.70 14.87
C VAL A 359 4.02 -0.78 15.46
N HIS A 360 5.04 -1.35 16.08
CA HIS A 360 6.06 -0.56 16.77
C HIS A 360 7.04 0.06 15.78
N GLU A 361 7.50 -0.75 14.83
CA GLU A 361 8.52 -0.31 13.89
C GLU A 361 8.27 -0.81 12.47
N VAL A 362 8.72 0.00 11.51
CA VAL A 362 8.76 -0.41 10.10
C VAL A 362 10.21 -0.47 9.65
N LEU A 363 10.67 -1.67 9.29
CA LEU A 363 12.03 -1.87 8.81
C LEU A 363 12.03 -2.00 7.29
N GLN A 364 13.13 -1.59 6.66
CA GLN A 364 13.28 -1.69 5.21
C GLN A 364 14.68 -2.15 4.83
N ILE A 365 14.76 -3.31 4.19
CA ILE A 365 16.00 -3.75 3.57
C ILE A 365 15.92 -3.44 2.09
N GLY A 366 16.70 -2.46 1.66
CA GLY A 366 16.69 -2.02 0.28
C GLY A 366 15.66 -0.93 0.06
N VAL A 367 15.40 -0.62 -1.21
CA VAL A 367 14.49 0.46 -1.57
C VAL A 367 13.12 -0.08 -1.98
N PRO A 368 12.09 0.78 -1.92
CA PRO A 368 10.75 0.37 -2.35
C PRO A 368 10.61 0.32 -3.87
N SER A 369 9.52 -0.28 -4.34
CA SER A 369 9.26 -0.42 -5.77
C SER A 369 9.01 0.91 -6.46
N GLU A 370 8.71 1.94 -5.66
CA GLU A 370 8.54 3.29 -6.18
C GLU A 370 8.81 4.30 -5.07
N LEU A 371 9.25 5.49 -5.46
CA LEU A 371 9.66 6.51 -4.49
C LEU A 371 8.56 6.81 -3.46
N ALA A 372 7.32 6.92 -3.93
CA ALA A 372 6.20 7.26 -3.07
C ALA A 372 5.97 6.18 -2.00
N ASN A 373 6.29 4.94 -2.34
CA ASN A 373 6.03 3.83 -1.44
C ASN A 373 6.90 3.85 -0.19
N TYR A 374 7.92 4.69 -0.17
CA TYR A 374 8.68 4.88 1.06
C TYR A 374 7.77 5.50 2.11
N ILE A 375 6.98 6.47 1.66
CA ILE A 375 6.04 7.16 2.55
C ILE A 375 4.95 6.21 3.05
N HIS A 376 4.48 5.35 2.14
CA HIS A 376 3.44 4.39 2.48
C HIS A 376 3.99 3.26 3.35
N ARG A 377 5.22 2.86 3.08
CA ARG A 377 5.88 1.81 3.87
C ARG A 377 5.95 2.18 5.35
N ILE A 378 6.59 3.30 5.65
CA ILE A 378 6.74 3.75 7.03
C ILE A 378 5.38 4.12 7.61
N GLY A 379 4.40 4.37 6.74
CA GLY A 379 3.07 4.73 7.16
C GLY A 379 2.29 3.60 7.79
N ARG A 380 2.85 2.39 7.76
CA ARG A 380 2.19 1.24 8.36
C ARG A 380 2.24 1.33 9.90
N THR A 381 3.15 2.14 10.42
CA THR A 381 3.22 2.40 11.86
C THR A 381 2.77 3.84 12.11
N ALA A 382 2.67 4.21 13.39
CA ALA A 382 2.20 5.52 13.79
C ALA A 382 0.83 5.83 13.21
N ARG A 383 -0.10 4.88 13.39
CA ARG A 383 -1.46 5.01 12.85
C ARG A 383 -2.48 5.28 13.95
N SER A 384 -3.46 6.11 13.63
CA SER A 384 -4.56 6.41 14.55
C SER A 384 -4.05 6.98 15.88
N GLY A 385 -3.17 7.97 15.79
CA GLY A 385 -2.69 8.66 16.97
C GLY A 385 -1.51 7.99 17.66
N LYS A 386 -1.29 6.72 17.36
CA LYS A 386 -0.22 5.96 18.02
C LYS A 386 1.16 6.42 17.55
N GLU A 387 2.17 6.06 18.32
CA GLU A 387 3.56 6.39 17.98
C GLU A 387 4.14 5.34 17.05
N GLY A 388 5.39 5.55 16.62
CA GLY A 388 6.05 4.60 15.75
C GLY A 388 7.41 5.09 15.27
N SER A 389 8.25 4.14 14.89
CA SER A 389 9.58 4.44 14.35
C SER A 389 9.79 3.67 13.05
N SER A 390 10.79 4.08 12.28
CA SER A 390 11.12 3.39 11.04
C SER A 390 12.62 3.41 10.77
N VAL A 391 13.14 2.30 10.26
CA VAL A 391 14.56 2.17 9.96
C VAL A 391 14.76 1.70 8.52
N LEU A 392 15.56 2.46 7.77
CA LEU A 392 15.91 2.10 6.40
C LEU A 392 17.33 1.53 6.35
N PHE A 393 17.44 0.24 6.05
CA PHE A 393 18.74 -0.41 5.89
C PHE A 393 19.14 -0.44 4.43
N ILE A 394 20.18 0.32 4.09
CA ILE A 394 20.70 0.38 2.72
C ILE A 394 22.21 0.37 2.71
N CYS A 395 22.79 0.23 1.52
CA CYS A 395 24.23 0.30 1.34
C CYS A 395 24.62 1.68 0.79
N LYS A 396 25.91 1.88 0.59
CA LYS A 396 26.43 3.17 0.14
C LYS A 396 25.93 3.53 -1.26
N ASP A 397 25.79 2.53 -2.11
CA ASP A 397 25.39 2.76 -3.50
C ASP A 397 23.90 3.06 -3.65
N GLU A 398 23.16 3.09 -2.53
CA GLU A 398 21.74 3.37 -2.54
C GLU A 398 21.43 4.77 -2.03
N LEU A 399 22.46 5.52 -1.67
CA LEU A 399 22.29 6.87 -1.15
C LEU A 399 21.56 7.83 -2.09
N PRO A 400 21.74 7.66 -3.42
CA PRO A 400 20.97 8.51 -4.34
C PRO A 400 19.46 8.43 -4.12
N PHE A 401 18.97 7.30 -3.65
CA PHE A 401 17.55 7.15 -3.33
C PHE A 401 17.17 8.07 -2.18
N VAL A 402 18.05 8.16 -1.18
CA VAL A 402 17.80 9.00 -0.02
C VAL A 402 17.83 10.48 -0.43
N ARG A 403 18.78 10.83 -1.29
CA ARG A 403 18.91 12.20 -1.78
C ARG A 403 17.71 12.58 -2.64
N GLU A 404 17.31 11.65 -3.50
CA GLU A 404 16.13 11.84 -4.35
C GLU A 404 14.88 11.98 -3.49
N LEU A 405 14.90 11.35 -2.34
CA LEU A 405 13.78 11.40 -1.40
C LEU A 405 13.61 12.83 -0.86
N GLU A 406 14.73 13.53 -0.73
CA GLU A 406 14.73 14.92 -0.28
C GLU A 406 14.39 15.87 -1.43
N ASP A 407 14.96 15.59 -2.60
CA ASP A 407 14.77 16.44 -3.77
C ASP A 407 13.32 16.45 -4.23
N ALA A 408 12.69 15.28 -4.22
CA ALA A 408 11.33 15.13 -4.75
C ALA A 408 10.26 15.30 -3.68
N LYS A 409 10.32 14.48 -2.65
CA LYS A 409 9.26 14.43 -1.64
C LYS A 409 9.56 15.29 -0.40
N ASN A 410 10.72 15.93 -0.39
CA ASN A 410 11.11 16.80 0.73
C ASN A 410 11.14 16.03 2.05
N ILE A 411 11.60 14.79 1.99
CA ILE A 411 11.70 13.93 3.17
C ILE A 411 13.15 13.88 3.67
N VAL A 412 13.40 14.55 4.78
CA VAL A 412 14.74 14.61 5.37
C VAL A 412 14.85 13.68 6.56
N ILE A 413 15.63 12.61 6.40
CA ILE A 413 15.90 11.68 7.49
C ILE A 413 17.07 12.20 8.34
N ALA A 414 16.75 12.76 9.50
CA ALA A 414 17.75 13.37 10.36
C ALA A 414 18.73 12.33 10.89
N LYS A 415 18.21 11.31 11.57
CA LYS A 415 19.05 10.31 12.21
C LYS A 415 19.70 9.38 11.18
N GLN A 416 21.01 9.49 11.05
CA GLN A 416 21.78 8.63 10.16
C GLN A 416 22.97 8.04 10.89
N GLU A 417 23.28 6.78 10.60
CA GLU A 417 24.41 6.11 11.21
C GLU A 417 24.98 5.04 10.28
N LYS A 418 26.26 4.73 10.44
CA LYS A 418 26.94 3.74 9.62
C LYS A 418 26.91 2.38 10.29
N TYR A 419 27.23 1.33 9.52
CA TYR A 419 27.23 -0.01 10.06
C TYR A 419 28.23 -0.92 9.36
N GLU A 420 28.97 -1.69 10.15
CA GLU A 420 29.84 -2.74 9.64
C GLU A 420 29.63 -3.99 10.49
N PRO A 421 29.36 -5.13 9.84
CA PRO A 421 29.05 -6.34 10.62
C PRO A 421 30.28 -6.99 11.24
N SER A 422 30.12 -7.53 12.44
CA SER A 422 31.17 -8.32 13.07
C SER A 422 31.21 -9.70 12.41
N GLU A 423 32.34 -10.39 12.56
CA GLU A 423 32.49 -11.73 11.98
C GLU A 423 31.55 -12.73 12.66
N GLU A 424 31.23 -12.46 13.92
CA GLU A 424 30.33 -13.33 14.69
C GLU A 424 28.93 -13.34 14.09
N ILE A 425 28.40 -12.16 13.80
CA ILE A 425 27.06 -12.04 13.21
C ILE A 425 27.02 -12.74 11.85
N LYS A 426 28.01 -12.47 11.01
CA LYS A 426 28.07 -13.07 9.68
C LYS A 426 28.08 -14.58 9.78
N SER A 427 28.86 -15.11 10.72
CA SER A 427 28.93 -16.55 10.95
C SER A 427 27.60 -17.07 11.45
N GLU A 428 26.98 -16.32 12.36
CA GLU A 428 25.69 -16.72 12.93
C GLU A 428 24.61 -16.83 11.86
N VAL A 429 24.47 -15.78 11.06
CA VAL A 429 23.43 -15.75 10.02
C VAL A 429 23.72 -16.76 8.90
N LEU A 430 24.93 -16.69 8.34
CA LEU A 430 25.28 -17.53 7.20
C LEU A 430 25.30 -19.01 7.55
N GLU A 431 25.63 -19.33 8.79
CA GLU A 431 25.61 -20.73 9.24
C GLU A 431 24.18 -21.26 9.24
N ALA A 432 23.22 -20.36 9.33
CA ALA A 432 21.81 -20.72 9.42
C ALA A 432 21.06 -20.45 8.12
N VAL A 433 21.70 -20.74 6.99
CA VAL A 433 21.02 -20.73 5.70
C VAL A 433 20.97 -22.16 5.16
N THR A 434 19.79 -22.54 4.69
CA THR A 434 19.56 -23.90 4.20
C THR A 434 19.56 -23.94 2.67
N GLU A 435 19.63 -22.77 2.06
CA GLU A 435 19.51 -22.65 0.60
C GLU A 435 20.75 -23.17 -0.12
N GLU A 436 20.52 -23.93 -1.19
CA GLU A 436 21.61 -24.37 -2.06
C GLU A 436 22.15 -23.19 -2.85
N PRO A 437 23.33 -23.34 -3.47
CA PRO A 437 23.89 -22.25 -4.28
C PRO A 437 22.96 -21.82 -5.42
N GLU A 438 22.19 -22.77 -5.95
CA GLU A 438 21.25 -22.48 -7.03
C GLU A 438 20.15 -21.54 -6.55
N ASP A 439 19.70 -21.74 -5.32
CA ASP A 439 18.66 -20.89 -4.75
C ASP A 439 19.19 -19.49 -4.47
N ILE A 440 20.39 -19.42 -3.91
CA ILE A 440 21.03 -18.13 -3.65
C ILE A 440 21.18 -17.35 -4.95
N SER A 441 21.49 -18.06 -6.02
CA SER A 441 21.64 -17.43 -7.33
C SER A 441 20.34 -16.76 -7.77
N ASP A 442 19.24 -17.51 -7.72
CA ASP A 442 17.93 -16.98 -8.10
C ASP A 442 17.56 -15.74 -7.29
N ILE A 443 17.89 -15.77 -5.99
CA ILE A 443 17.57 -14.68 -5.09
C ILE A 443 18.32 -13.41 -5.47
N VAL A 444 19.63 -13.53 -5.68
CA VAL A 444 20.44 -12.38 -6.04
C VAL A 444 20.07 -11.88 -7.43
N ILE A 445 19.79 -12.80 -8.35
CA ILE A 445 19.38 -12.44 -9.70
C ILE A 445 18.10 -11.63 -9.65
N SER A 446 17.16 -12.04 -8.79
CA SER A 446 15.90 -11.33 -8.66
C SER A 446 16.15 -9.91 -8.15
N LEU A 447 17.17 -9.75 -7.30
CA LEU A 447 17.53 -8.43 -6.79
C LEU A 447 18.18 -7.58 -7.88
N ILE A 448 18.97 -8.22 -8.75
CA ILE A 448 19.60 -7.51 -9.86
C ILE A 448 18.53 -6.96 -10.79
N SER A 449 17.58 -7.81 -11.15
CA SER A 449 16.46 -7.40 -12.00
C SER A 449 15.67 -6.27 -11.35
N SER A 450 15.45 -6.37 -10.04
CA SER A 450 14.66 -5.39 -9.31
C SER A 450 15.35 -4.03 -9.27
N TYR A 451 16.64 -4.03 -8.95
CA TYR A 451 17.39 -2.78 -8.82
C TYR A 451 17.68 -2.14 -10.17
N ARG A 452 17.75 -2.96 -11.22
CA ARG A 452 18.00 -2.45 -12.55
C ARG A 452 16.82 -1.63 -13.06
N SER A 453 15.61 -1.99 -12.62
CA SER A 453 14.39 -1.36 -13.12
C SER A 453 14.14 0.02 -12.50
N CYS A 454 14.81 0.33 -11.39
CA CYS A 454 14.63 1.61 -10.71
C CYS A 454 15.91 2.43 -10.66
N ILE A 455 16.82 2.18 -11.61
CA ILE A 455 18.06 2.94 -11.71
C ILE A 455 17.76 4.40 -12.03
N LYS A 456 16.87 4.61 -13.00
CA LYS A 456 16.54 5.97 -13.45
C LYS A 456 15.74 6.72 -12.39
N GLU A 457 14.81 6.02 -11.75
CA GLU A 457 13.94 6.64 -10.74
C GLU A 457 14.77 7.22 -9.59
N TYR A 458 15.69 6.42 -9.06
CA TYR A 458 16.44 6.79 -7.86
C TYR A 458 17.84 7.34 -8.17
N ARG A 459 18.12 7.59 -9.45
CA ARG A 459 19.40 8.14 -9.88
C ARG A 459 20.58 7.28 -9.43
N PHE A 460 20.45 5.96 -9.59
CA PHE A 460 21.54 5.05 -9.26
C PHE A 460 22.60 5.07 -10.36
N SER A 461 23.85 4.86 -9.96
CA SER A 461 24.93 4.64 -10.91
C SER A 461 24.97 3.17 -11.26
N GLU A 462 24.47 2.84 -12.45
CA GLU A 462 24.36 1.45 -12.90
C GLU A 462 25.70 0.71 -12.81
N ARG A 463 26.77 1.43 -13.12
CA ARG A 463 28.11 0.84 -13.11
C ARG A 463 28.55 0.47 -11.69
N ARG A 464 27.84 0.99 -10.69
CA ARG A 464 28.21 0.80 -9.29
C ARG A 464 27.19 -0.06 -8.54
N ILE A 465 25.91 0.23 -8.71
CA ILE A 465 24.88 -0.44 -7.93
C ILE A 465 24.71 -1.90 -8.32
N LEU A 466 24.74 -2.19 -9.62
CA LEU A 466 24.47 -3.54 -10.10
C LEU A 466 25.56 -4.53 -9.69
N PRO A 467 26.84 -4.15 -9.84
CA PRO A 467 27.91 -5.01 -9.32
C PRO A 467 27.78 -5.28 -7.82
N GLU A 468 27.40 -4.25 -7.07
CA GLU A 468 27.25 -4.39 -5.62
C GLU A 468 26.15 -5.39 -5.26
N ILE A 469 25.00 -5.28 -5.93
CA ILE A 469 23.90 -6.22 -5.69
C ILE A 469 24.33 -7.64 -6.06
N ALA A 470 24.99 -7.78 -7.19
CA ALA A 470 25.46 -9.09 -7.65
C ALA A 470 26.46 -9.70 -6.67
N SER A 471 27.26 -8.85 -6.03
CA SER A 471 28.29 -9.31 -5.11
C SER A 471 27.68 -9.99 -3.88
N THR A 472 26.39 -9.76 -3.66
CA THR A 472 25.67 -10.39 -2.56
C THR A 472 25.81 -11.91 -2.62
N TYR A 473 25.89 -12.43 -3.84
CA TYR A 473 26.02 -13.86 -4.06
C TYR A 473 27.28 -14.42 -3.41
N GLY A 474 28.39 -13.69 -3.57
CA GLY A 474 29.66 -14.10 -3.02
C GLY A 474 29.67 -14.02 -1.51
N VAL A 475 29.01 -13.01 -0.97
CA VAL A 475 28.95 -12.81 0.48
C VAL A 475 28.20 -13.96 1.14
N LEU A 476 27.03 -14.31 0.59
CA LEU A 476 26.19 -15.34 1.17
C LEU A 476 26.86 -16.71 1.13
N LEU A 477 27.70 -16.94 0.12
CA LEU A 477 28.46 -18.17 0.02
C LEU A 477 29.81 -18.05 0.74
N ASN A 478 30.02 -16.90 1.41
CA ASN A 478 31.24 -16.66 2.16
C ASN A 478 32.48 -16.71 1.28
N ASP A 479 32.38 -16.11 0.09
CA ASP A 479 33.49 -16.07 -0.86
C ASP A 479 33.33 -14.86 -1.78
N PRO A 480 33.75 -13.67 -1.30
CA PRO A 480 33.56 -12.41 -2.03
C PRO A 480 34.12 -12.43 -3.46
N GLN A 481 35.07 -13.31 -3.72
CA GLN A 481 35.70 -13.38 -5.04
C GLN A 481 34.78 -14.01 -6.08
N LEU A 482 33.86 -14.86 -5.61
CA LEU A 482 32.97 -15.58 -6.51
C LEU A 482 31.99 -14.66 -7.22
N LYS A 483 31.69 -15.01 -8.47
CA LYS A 483 30.65 -14.35 -9.25
C LYS A 483 29.54 -15.35 -9.52
N ILE A 484 28.38 -14.86 -9.93
CA ILE A 484 27.24 -15.73 -10.19
C ILE A 484 27.50 -16.55 -11.45
N PRO A 485 27.42 -17.89 -11.35
CA PRO A 485 27.62 -18.72 -12.54
C PRO A 485 26.40 -18.76 -13.46
N VAL A 486 26.58 -18.36 -14.71
CA VAL A 486 25.48 -18.37 -15.69
C VAL A 486 25.99 -18.82 -17.05
N SER A 487 25.07 -18.99 -17.99
CA SER A 487 25.41 -19.39 -19.35
C SER A 487 25.50 -18.17 -20.27
N ARG A 488 26.07 -18.36 -21.45
CA ARG A 488 26.20 -17.28 -22.42
C ARG A 488 24.84 -16.76 -22.86
N ARG A 489 23.88 -17.68 -22.99
CA ARG A 489 22.53 -17.32 -23.40
C ARG A 489 21.87 -16.45 -22.33
N PHE A 490 22.09 -16.80 -21.07
CA PHE A 490 21.49 -16.06 -19.96
C PHE A 490 22.05 -14.64 -19.89
N LEU A 491 23.36 -14.51 -20.02
CA LEU A 491 24.00 -13.21 -20.02
C LEU A 491 23.53 -12.38 -21.22
N ASP A 492 23.24 -13.06 -22.33
CA ASP A 492 22.72 -12.40 -23.52
C ASP A 492 21.28 -11.94 -23.30
N LYS A 493 20.48 -12.80 -22.67
CA LYS A 493 19.09 -12.47 -22.38
C LYS A 493 18.99 -11.22 -21.52
N LEU A 494 20.01 -10.99 -20.69
CA LEU A 494 20.05 -9.82 -19.83
C LEU A 494 20.49 -8.59 -20.61
N GLY A 495 21.18 -8.81 -21.73
CA GLY A 495 21.58 -7.73 -22.63
C GLY A 495 22.82 -7.00 -22.19
N LEU A 496 23.58 -7.60 -21.29
CA LEU A 496 24.83 -7.01 -20.79
C LEU A 496 26.04 -7.73 -21.34
N SER A 497 25.87 -8.36 -22.51
CA SER A 497 26.96 -9.07 -23.16
C SER A 497 28.03 -8.09 -23.63
N ARG A 498 27.59 -6.87 -23.97
CA ARG A 498 28.49 -5.82 -24.42
C ARG A 498 28.96 -4.97 -23.26
N SER A 499 28.06 -4.74 -22.30
CA SER A 499 28.36 -3.88 -21.16
C SER A 499 29.49 -4.47 -20.30
N PRO A 500 30.45 -3.63 -19.87
CA PRO A 500 31.51 -4.12 -18.98
C PRO A 500 30.97 -4.57 -17.63
N ILE A 501 29.83 -3.99 -17.24
CA ILE A 501 29.24 -4.26 -15.94
C ILE A 501 28.81 -5.72 -15.83
N GLY A 502 28.39 -6.31 -16.94
CA GLY A 502 27.96 -7.69 -16.97
C GLY A 502 29.06 -8.64 -16.55
N LYS A 503 30.27 -8.40 -17.06
CA LYS A 503 31.42 -9.24 -16.74
C LYS A 503 31.79 -9.13 -15.27
N ALA A 504 31.59 -7.95 -14.70
CA ALA A 504 31.92 -7.72 -13.29
C ALA A 504 30.96 -8.46 -12.36
N MET A 505 29.77 -8.77 -12.86
CA MET A 505 28.72 -9.38 -12.06
C MET A 505 28.69 -10.90 -12.19
N PHE A 506 28.92 -11.39 -13.40
CA PHE A 506 28.71 -12.80 -13.71
C PHE A 506 29.98 -13.52 -14.16
N GLU A 507 29.95 -14.84 -14.06
CA GLU A 507 31.01 -15.71 -14.55
C GLU A 507 30.42 -16.75 -15.49
N ILE A 508 30.77 -16.67 -16.77
CA ILE A 508 30.20 -17.57 -17.77
C ILE A 508 30.85 -18.95 -17.68
N ARG A 509 30.07 -19.93 -17.22
CA ARG A 509 30.53 -21.32 -17.15
C ARG A 509 29.83 -22.15 -18.23
MG MG C . -6.20 3.94 3.25
MG MG D . 0.24 0.29 12.94
BE BEF E . -3.31 5.00 4.35
F1 BEF E . -4.10 4.21 3.57
F2 BEF E . -2.78 6.02 3.61
F3 BEF E . -2.31 4.25 4.93
PB ADP F . -5.80 5.78 5.98
O1B ADP F . -4.45 5.15 6.23
O2B ADP F . -6.65 5.05 4.96
O3B ADP F . -5.76 7.28 5.82
PA ADP F . -7.36 4.19 7.68
O1A ADP F . -8.75 4.31 7.10
O2A ADP F . -6.45 3.06 7.27
O3A ADP F . -6.58 5.58 7.37
O5' ADP F . -7.46 4.22 9.28
C5' ADP F . -6.87 3.16 10.04
C4' ADP F . -7.31 3.23 11.50
O4' ADP F . -7.72 4.55 11.86
C3' ADP F . -8.51 2.33 11.77
O3' ADP F . -8.06 1.11 12.38
C2' ADP F . -9.43 3.12 12.67
O2' ADP F . -9.62 2.47 13.93
C1' ADP F . -8.74 4.46 12.85
N9 ADP F . -9.70 5.59 12.74
C8 ADP F . -10.49 5.89 11.70
N7 ADP F . -11.23 6.99 11.95
C5 ADP F . -10.92 7.41 13.19
C6 ADP F . -11.34 8.52 14.08
N6 ADP F . -12.27 9.41 13.68
N1 ADP F . -10.77 8.60 15.30
C2 ADP F . -9.84 7.72 15.72
N3 ADP F . -9.42 6.69 14.96
C4 ADP F . -9.92 6.49 13.71
H5'1 ADP F . -5.79 3.23 9.98
H5'2 ADP F . -7.18 2.20 9.61
H4' ADP F . -6.48 2.91 12.12
H3' ADP F . -9.02 2.10 10.82
HO3' ADP F . -8.81 0.54 12.56
H2' ADP F . -10.39 3.27 12.16
HO2' ADP F . -10.03 1.62 13.80
H1' ADP F . -8.28 4.48 13.85
H8 ADP F . -10.51 5.32 10.77
HN61 ADP F . -12.55 10.17 14.28
HN62 ADP F . -12.68 9.33 12.76
H2 ADP F . -9.41 7.83 16.71
#